data_8DG6
#
_entry.id   8DG6
#
_cell.length_a   74.507
_cell.length_b   44.955
_cell.length_c   63.417
_cell.angle_alpha   90.000
_cell.angle_beta   117.312
_cell.angle_gamma   90.000
#
_symmetry.space_group_name_H-M   'C 1 2 1'
#
loop_
_entity.id
_entity.type
_entity.pdbx_description
1 polymer 'Complement factor D'
2 non-polymer 1-{2-[(2S)-2-{[(3-chloro-2-fluorophenyl)methyl]carbamoyl}pyrrolidin-1-yl]-2-oxoethyl}-1H-indazole-3-carboxamide
3 water water
#
_entity_poly.entity_id   1
_entity_poly.type   'polypeptide(L)'
_entity_poly.pdbx_seq_one_letter_code
;ILGGREAEAHARPYMASVQLNGAHLCGGVLVAEQWVLSAAHCLEDAADGKVQVLLGAHSLSQPEPSKRLYDVLRAVPHPD
SQPDTIDHDLLLLQLSEKATLGPAVRPLPWQRVDRDVAPGTLCDVAGWGIVNHAGRRPDSLQHVLLPVLDRATCNRRTHH
DGAITERLMCAESNRRDSCKGDSGGPLVCGGVLEGVVTSGSRVCGNRKKPGIYTRVASYAAWIDSVLA
;
_entity_poly.pdbx_strand_id   A
#
# COMPACT_ATOMS: atom_id res chain seq x y z
N ILE A 1 -3.02 2.12 -10.48
CA ILE A 1 -2.65 0.75 -11.01
C ILE A 1 -2.84 0.76 -12.53
N LEU A 2 -1.72 0.50 -13.23
CA LEU A 2 -1.65 0.37 -14.67
C LEU A 2 -1.81 -1.11 -15.02
N GLY A 3 -2.51 -1.39 -16.14
CA GLY A 3 -2.56 -2.73 -16.72
C GLY A 3 -3.29 -3.71 -15.82
N GLY A 4 -4.15 -3.17 -14.95
CA GLY A 4 -4.79 -3.97 -13.91
C GLY A 4 -6.27 -4.23 -14.22
N ARG A 5 -7.04 -4.44 -13.16
CA ARG A 5 -8.46 -4.70 -13.32
C ARG A 5 -9.18 -4.31 -12.03
N GLU A 6 -10.49 -4.08 -12.15
CA GLU A 6 -11.26 -3.68 -11.00
C GLU A 6 -11.21 -4.82 -9.99
N ALA A 7 -11.04 -4.43 -8.72
CA ALA A 7 -11.05 -5.38 -7.64
C ALA A 7 -12.50 -5.76 -7.35
N GLU A 8 -12.70 -6.92 -6.71
CA GLU A 8 -14.02 -7.30 -6.22
C GLU A 8 -14.35 -6.45 -5.00
N ALA A 9 -15.57 -5.92 -4.93
CA ALA A 9 -15.93 -4.99 -3.87
C ALA A 9 -15.70 -5.64 -2.49
N HIS A 10 -14.79 -5.01 -1.74
CA HIS A 10 -14.55 -5.30 -0.33
C HIS A 10 -13.89 -6.66 -0.16
N ALA A 11 -13.35 -7.25 -1.24
CA ALA A 11 -12.67 -8.53 -1.12
C ALA A 11 -11.29 -8.36 -0.45
N ARG A 12 -10.78 -7.14 -0.38
CA ARG A 12 -9.52 -6.81 0.26
C ARG A 12 -9.80 -5.87 1.43
N PRO A 13 -10.33 -6.41 2.56
CA PRO A 13 -10.95 -5.59 3.62
C PRO A 13 -9.97 -4.78 4.46
N TYR A 14 -8.68 -5.06 4.32
CA TYR A 14 -7.58 -4.29 4.90
C TYR A 14 -7.30 -2.98 4.15
N MET A 15 -7.87 -2.82 2.96
CA MET A 15 -7.50 -1.72 2.06
C MET A 15 -8.10 -0.41 2.54
N ALA A 16 -7.22 0.59 2.73
CA ALA A 16 -7.57 1.94 3.14
C ALA A 16 -7.23 2.93 2.03
N SER A 17 -8.02 4.01 1.97
CA SER A 17 -7.69 5.24 1.25
C SER A 17 -7.31 6.31 2.27
N VAL A 18 -6.07 6.79 2.20
CA VAL A 18 -5.65 7.94 2.97
C VAL A 18 -6.02 9.17 2.15
N GLN A 19 -6.71 10.15 2.77
CA GLN A 19 -7.35 11.23 2.04
C GLN A 19 -6.85 12.60 2.50
N ASN A 21 -8.02 16.14 1.71
CA ASN A 21 -9.16 17.10 1.89
C ASN A 21 -10.43 16.54 1.30
N GLY A 22 -10.81 15.33 1.74
CA GLY A 22 -11.85 14.58 1.07
C GLY A 22 -11.40 14.00 -0.28
N ALA A 23 -10.09 14.06 -0.58
CA ALA A 23 -9.55 13.48 -1.80
C ALA A 23 -8.53 12.38 -1.48
N HIS A 24 -8.60 11.28 -2.23
CA HIS A 24 -7.66 10.17 -2.10
C HIS A 24 -6.25 10.69 -2.36
N LEU A 25 -5.31 10.31 -1.49
CA LEU A 25 -3.90 10.71 -1.61
C LEU A 25 -3.04 9.45 -1.77
N CYS A 26 -3.27 8.47 -0.90
CA CYS A 26 -2.47 7.26 -0.89
C CYS A 26 -3.35 6.06 -0.56
N GLY A 27 -2.82 4.89 -0.88
CA GLY A 27 -3.27 3.65 -0.28
C GLY A 27 -2.83 3.57 1.19
N GLY A 28 -3.45 2.64 1.91
CA GLY A 28 -2.90 2.16 3.17
C GLY A 28 -3.46 0.79 3.49
N VAL A 29 -2.86 0.13 4.51
CA VAL A 29 -3.26 -1.19 4.95
C VAL A 29 -3.62 -1.13 6.42
N LEU A 30 -4.86 -1.52 6.75
CA LEU A 30 -5.24 -1.74 8.13
C LEU A 30 -4.44 -2.92 8.69
N VAL A 31 -3.61 -2.64 9.71
CA VAL A 31 -2.76 -3.64 10.32
C VAL A 31 -3.16 -3.90 11.78
N ALA A 32 -3.94 -3.00 12.39
CA ALA A 32 -4.53 -3.24 13.69
C ALA A 32 -5.86 -2.51 13.75
N GLU A 33 -6.63 -2.72 14.82
CA GLU A 33 -7.91 -2.07 15.06
C GLU A 33 -7.85 -0.57 14.84
N GLN A 34 -6.76 0.08 15.29
CA GLN A 34 -6.71 1.53 15.26
C GLN A 34 -5.50 2.07 14.48
N TRP A 35 -4.88 1.22 13.66
CA TRP A 35 -3.64 1.60 12.97
C TRP A 35 -3.67 1.17 11.50
N VAL A 36 -3.27 2.12 10.67
CA VAL A 36 -3.10 1.92 9.25
C VAL A 36 -1.63 2.15 8.88
N LEU A 37 -1.08 1.22 8.11
CA LEU A 37 0.28 1.38 7.57
C LEU A 37 0.19 1.95 6.16
N SER A 38 0.99 3.00 5.92
CA SER A 38 1.05 3.68 4.63
C SER A 38 2.51 4.06 4.34
N ALA A 39 2.76 4.94 3.36
CA ALA A 39 4.10 5.35 2.99
C ALA A 39 4.42 6.73 3.55
N ALA A 40 5.72 7.03 3.72
CA ALA A 40 6.19 8.19 4.48
C ALA A 40 5.75 9.53 3.87
N HIS A 41 5.80 9.67 2.54
CA HIS A 41 5.46 10.95 1.90
C HIS A 41 3.97 11.15 1.73
N CYS A 42 3.12 10.20 2.21
CA CYS A 42 1.68 10.35 2.19
C CYS A 42 1.17 11.18 3.36
N LEU A 43 1.75 12.36 3.53
CA LEU A 43 1.42 13.20 4.67
C LEU A 43 1.60 14.64 4.17
N VAL A 51 -5.71 15.16 7.33
CA VAL A 51 -5.47 13.71 7.01
C VAL A 51 -6.62 12.84 7.55
N GLN A 52 -7.33 12.12 6.66
CA GLN A 52 -8.39 11.19 7.08
C GLN A 52 -8.22 9.83 6.39
N VAL A 53 -8.95 8.82 6.88
CA VAL A 53 -8.80 7.44 6.41
C VAL A 53 -10.19 6.84 6.17
N LEU A 54 -10.40 6.39 4.94
CA LEU A 54 -11.64 5.77 4.55
C LEU A 54 -11.43 4.25 4.55
N LEU A 55 -12.20 3.56 5.41
CA LEU A 55 -12.19 2.12 5.45
C LEU A 55 -13.44 1.58 4.79
N GLY A 56 -13.37 0.31 4.39
CA GLY A 56 -14.56 -0.42 3.96
C GLY A 56 -15.00 -0.05 2.55
N ALA A 57 -14.08 0.49 1.74
CA ALA A 57 -14.51 1.12 0.49
C ALA A 57 -14.16 0.29 -0.75
N HIS A 58 -15.05 0.42 -1.74
CA HIS A 58 -14.75 0.04 -3.11
C HIS A 58 -14.77 1.28 -3.99
N SER A 59 -15.94 1.94 -4.09
CA SER A 59 -16.05 3.23 -4.75
C SER A 59 -15.63 4.32 -3.78
N LEU A 60 -14.82 5.28 -4.23
CA LEU A 60 -14.51 6.46 -3.45
C LEU A 60 -15.74 7.36 -3.26
N SER A 61 -16.59 7.42 -4.29
CA SER A 61 -17.62 8.44 -4.39
C SER A 61 -19.03 7.94 -4.01
N GLN A 62 -19.28 6.62 -4.12
CA GLN A 62 -20.63 6.09 -4.02
C GLN A 62 -20.91 5.55 -2.61
N PRO A 63 -22.15 5.67 -2.10
CA PRO A 63 -22.52 5.13 -0.80
C PRO A 63 -22.43 3.61 -0.74
N GLU A 64 -21.89 3.07 0.35
CA GLU A 64 -21.70 1.64 0.50
C GLU A 64 -21.93 1.28 1.96
N PRO A 65 -22.53 0.10 2.24
CA PRO A 65 -22.90 -0.26 3.60
C PRO A 65 -21.69 -0.24 4.57
N SER A 66 -20.51 -0.65 4.09
CA SER A 66 -19.33 -0.78 4.95
C SER A 66 -18.43 0.47 4.97
N LYS A 67 -18.75 1.52 4.20
CA LYS A 67 -17.83 2.64 4.11
C LYS A 67 -17.89 3.47 5.39
N ARG A 68 -16.71 3.83 5.91
CA ARG A 68 -16.61 4.65 7.11
C ARG A 68 -15.36 5.52 7.04
N LEU A 69 -15.51 6.83 7.29
CA LEU A 69 -14.40 7.76 7.33
C LEU A 69 -13.97 7.99 8.77
N TYR A 70 -12.65 8.02 8.97
CA TYR A 70 -12.01 8.21 10.27
C TYR A 70 -11.05 9.39 10.19
N ASP A 71 -11.06 10.24 11.22
CA ASP A 71 -10.02 11.20 11.48
C ASP A 71 -8.83 10.44 12.07
N VAL A 72 -7.67 11.08 12.01
CA VAL A 72 -6.41 10.51 12.44
C VAL A 72 -5.99 11.19 13.74
N LEU A 73 -5.71 10.39 14.77
CA LEU A 73 -5.22 10.91 16.04
C LEU A 73 -3.79 11.43 15.88
N ARG A 74 -2.93 10.61 15.26
CA ARG A 74 -1.57 11.05 14.93
C ARG A 74 -0.96 10.18 13.83
N ALA A 75 0.08 10.76 13.25
CA ALA A 75 0.81 10.19 12.14
C ALA A 75 2.24 9.99 12.61
N VAL A 76 2.74 8.77 12.40
CA VAL A 76 4.05 8.39 12.85
C VAL A 76 4.85 7.93 11.65
N PRO A 77 5.55 8.85 10.97
CA PRO A 77 6.44 8.49 9.87
C PRO A 77 7.68 7.84 10.46
N HIS A 78 8.28 6.94 9.71
CA HIS A 78 9.51 6.35 10.16
C HIS A 78 10.52 7.46 10.43
N PRO A 79 11.18 7.49 11.61
CA PRO A 79 12.06 8.59 11.99
C PRO A 79 13.22 8.84 11.05
N ASP A 80 13.57 7.85 10.21
CA ASP A 80 14.74 7.93 9.35
C ASP A 80 14.36 8.29 7.92
N SER A 81 13.06 8.41 7.64
CA SER A 81 12.61 8.79 6.31
C SER A 81 12.98 10.24 6.03
N GLN A 82 13.19 10.56 4.76
CA GLN A 82 13.58 11.92 4.36
C GLN A 82 12.72 12.29 3.17
N PRO A 83 12.42 13.58 2.95
CA PRO A 83 11.50 13.98 1.88
C PRO A 83 12.02 13.61 0.50
N ASP A 84 13.35 13.49 0.33
CA ASP A 84 13.94 13.28 -1.00
C ASP A 84 14.40 11.84 -1.21
N THR A 85 14.02 10.89 -0.34
CA THR A 85 14.40 9.50 -0.54
C THR A 85 13.17 8.60 -0.40
N ILE A 86 13.32 7.34 -0.86
CA ILE A 86 12.32 6.31 -0.59
C ILE A 86 12.89 5.21 0.32
N ASP A 87 13.91 5.57 1.09
CA ASP A 87 14.33 4.80 2.25
C ASP A 87 13.38 5.01 3.42
N HIS A 88 13.21 3.96 4.23
CA HIS A 88 12.40 4.03 5.44
C HIS A 88 11.01 4.62 5.12
N ASP A 89 10.44 4.21 3.98
CA ASP A 89 9.31 4.91 3.37
C ASP A 89 7.99 4.38 3.94
N LEU A 90 7.85 4.49 5.26
CA LEU A 90 6.71 3.95 5.97
C LEU A 90 6.11 5.02 6.86
N LEU A 91 4.82 4.86 7.12
CA LEU A 91 4.04 5.78 7.93
C LEU A 91 2.95 4.97 8.64
N LEU A 92 2.83 5.19 9.95
CA LEU A 92 1.76 4.56 10.71
C LEU A 92 0.82 5.65 11.20
N LEU A 93 -0.46 5.46 10.86
CA LEU A 93 -1.51 6.40 11.18
C LEU A 93 -2.40 5.78 12.25
N GLN A 94 -2.61 6.49 13.35
CA GLN A 94 -3.53 6.04 14.40
C GLN A 94 -4.88 6.74 14.17
N LEU A 95 -5.93 5.93 14.02
CA LEU A 95 -7.29 6.43 13.85
C LEU A 95 -7.77 7.10 15.14
N SER A 96 -8.75 7.99 15.06
CA SER A 96 -9.19 8.68 16.26
C SER A 96 -10.10 7.77 17.09
N GLU A 97 -10.53 6.64 16.53
CA GLU A 97 -11.09 5.59 17.38
C GLU A 97 -10.87 4.26 16.71
N LYS A 98 -11.01 3.19 17.50
CA LYS A 98 -10.85 1.84 16.99
C LYS A 98 -11.86 1.63 15.85
N ALA A 99 -11.43 1.03 14.74
CA ALA A 99 -12.32 0.83 13.61
C ALA A 99 -13.33 -0.26 13.94
N THR A 100 -14.55 -0.07 13.44
CA THR A 100 -15.60 -1.09 13.43
C THR A 100 -15.20 -2.18 12.46
N LEU A 101 -14.80 -3.34 13.01
CA LEU A 101 -14.37 -4.45 12.19
C LEU A 101 -15.56 -5.28 11.72
N GLY A 102 -15.37 -5.89 10.54
CA GLY A 102 -16.34 -6.82 10.01
C GLY A 102 -15.88 -7.39 8.68
N PRO A 103 -16.78 -8.05 7.93
CA PRO A 103 -16.47 -8.50 6.59
C PRO A 103 -16.51 -7.24 5.74
N ALA A 104 -15.34 -6.77 5.37
CA ALA A 104 -15.16 -5.56 4.57
C ALA A 104 -14.20 -4.61 5.27
N VAL A 105 -14.01 -4.75 6.60
CA VAL A 105 -13.02 -3.95 7.29
C VAL A 105 -12.28 -4.85 8.28
N ARG A 106 -11.05 -5.23 7.91
CA ARG A 106 -10.34 -6.27 8.64
C ARG A 106 -8.84 -6.03 8.47
N PRO A 107 -8.03 -6.12 9.56
CA PRO A 107 -6.57 -6.01 9.44
C PRO A 107 -5.97 -7.17 8.63
N LEU A 108 -4.88 -6.88 7.92
CA LEU A 108 -4.14 -7.88 7.18
C LEU A 108 -2.91 -8.26 8.00
N PRO A 109 -2.62 -9.55 8.21
CA PRO A 109 -1.35 -9.94 8.85
C PRO A 109 -0.18 -9.51 7.96
N TRP A 110 0.93 -9.10 8.58
CA TRP A 110 2.08 -8.62 7.83
C TRP A 110 3.31 -9.47 8.15
N GLN A 111 4.30 -9.48 7.25
CA GLN A 111 5.38 -10.46 7.34
C GLN A 111 6.37 -10.09 8.43
N ARG A 112 6.47 -10.96 9.45
CA ARG A 112 7.40 -10.75 10.54
C ARG A 112 8.67 -11.57 10.33
N VAL A 113 8.61 -12.56 9.44
CA VAL A 113 9.76 -13.42 9.18
C VAL A 113 10.62 -12.71 8.14
N ASP A 114 11.89 -12.50 8.46
CA ASP A 114 12.76 -11.76 7.58
C ASP A 114 13.37 -12.75 6.61
N ARG A 115 12.58 -13.13 5.59
CA ARG A 115 13.00 -14.00 4.51
C ARG A 115 12.36 -13.48 3.23
N ASP A 116 13.05 -13.62 2.10
CA ASP A 116 12.60 -13.04 0.86
C ASP A 116 11.45 -13.88 0.30
N VAL A 117 10.54 -13.24 -0.42
CA VAL A 117 9.57 -13.92 -1.23
C VAL A 117 10.34 -14.61 -2.37
N ALA A 118 10.06 -15.88 -2.60
CA ALA A 118 10.61 -16.59 -3.74
C ALA A 118 10.48 -15.74 -4.99
N PRO A 119 11.60 -15.36 -5.64
CA PRO A 119 11.54 -14.68 -6.94
C PRO A 119 10.67 -15.42 -7.96
N GLY A 120 9.83 -14.70 -8.73
CA GLY A 120 8.85 -15.34 -9.63
C GLY A 120 7.41 -15.38 -9.07
N THR A 121 7.26 -15.36 -7.75
CA THR A 121 5.96 -15.38 -7.10
C THR A 121 5.10 -14.21 -7.56
N LEU A 122 3.85 -14.46 -7.98
CA LEU A 122 2.97 -13.35 -8.29
C LEU A 122 2.32 -12.88 -6.99
N CYS A 123 2.49 -11.59 -6.69
CA CYS A 123 1.84 -10.97 -5.55
C CYS A 123 0.84 -9.93 -6.05
N ASP A 124 -0.04 -9.46 -5.14
CA ASP A 124 -1.20 -8.67 -5.52
C ASP A 124 -1.03 -7.27 -4.95
N VAL A 125 -1.11 -6.27 -5.84
CA VAL A 125 -1.00 -4.85 -5.50
C VAL A 125 -2.34 -4.21 -5.84
N ALA A 126 -2.94 -3.52 -4.86
CA ALA A 126 -4.21 -2.83 -5.06
C ALA A 126 -4.04 -1.33 -4.77
N GLY A 127 -4.85 -0.51 -5.43
CA GLY A 127 -4.89 0.92 -5.18
C GLY A 127 -5.90 1.65 -6.04
N TRP A 128 -6.11 2.90 -5.67
CA TRP A 128 -6.93 3.85 -6.41
C TRP A 128 -6.03 4.82 -7.18
N GLY A 129 -4.78 4.39 -7.42
CA GLY A 129 -3.88 5.24 -8.21
C GLY A 129 -4.32 5.34 -9.67
N ILE A 130 -3.55 6.11 -10.44
CA ILE A 130 -3.88 6.40 -11.85
C ILE A 130 -3.87 5.09 -12.66
N VAL A 131 -4.73 5.03 -13.67
CA VAL A 131 -4.88 3.83 -14.45
C VAL A 131 -4.37 4.02 -15.89
N ASN A 132 -3.88 5.21 -16.20
CA ASN A 132 -3.13 5.41 -17.44
C ASN A 132 -2.20 6.61 -17.28
N HIS A 133 -1.40 6.81 -18.32
CA HIS A 133 -0.41 7.86 -18.42
C HIS A 133 -0.99 9.25 -18.70
N ALA A 134 -2.30 9.34 -18.98
CA ALA A 134 -3.02 10.59 -18.79
C ALA A 134 -3.37 10.61 -17.30
N GLY A 135 -4.05 11.61 -16.77
CA GLY A 135 -4.16 11.57 -15.30
C GLY A 135 -5.23 10.65 -14.70
N ARG A 136 -5.63 9.52 -15.32
CA ARG A 136 -6.99 9.02 -15.09
C ARG A 136 -7.12 8.38 -13.70
N ARG A 137 -8.03 8.92 -12.87
CA ARG A 137 -8.21 8.51 -11.49
C ARG A 137 -9.47 7.65 -11.37
N PRO A 138 -9.35 6.34 -11.01
CA PRO A 138 -10.52 5.46 -10.94
C PRO A 138 -11.37 5.64 -9.70
N ASP A 139 -12.69 5.62 -9.89
CA ASP A 139 -13.60 5.63 -8.76
C ASP A 139 -13.48 4.36 -7.92
N SER A 140 -13.33 3.19 -8.56
CA SER A 140 -13.35 1.95 -7.82
C SER A 140 -11.93 1.36 -7.70
N LEU A 141 -11.71 0.60 -6.62
CA LEU A 141 -10.41 -0.01 -6.34
C LEU A 141 -9.98 -0.94 -7.49
N GLN A 142 -8.70 -0.78 -7.90
CA GLN A 142 -8.07 -1.61 -8.90
C GLN A 142 -7.02 -2.50 -8.24
N HIS A 143 -6.62 -3.57 -8.95
CA HIS A 143 -5.50 -4.39 -8.53
C HIS A 143 -4.85 -5.05 -9.74
N VAL A 144 -3.67 -5.62 -9.49
CA VAL A 144 -2.87 -6.33 -10.50
C VAL A 144 -1.91 -7.27 -9.80
N LEU A 145 -1.76 -8.46 -10.39
CA LEU A 145 -0.79 -9.44 -9.93
C LEU A 145 0.52 -9.25 -10.70
N LEU A 146 1.62 -9.29 -9.95
CA LEU A 146 2.94 -8.91 -10.45
C LEU A 146 3.98 -9.88 -9.88
N PRO A 147 4.90 -10.41 -10.73
CA PRO A 147 5.98 -11.26 -10.28
C PRO A 147 7.02 -10.46 -9.50
N VAL A 148 7.45 -10.98 -8.35
CA VAL A 148 8.54 -10.41 -7.58
C VAL A 148 9.88 -10.74 -8.24
N LEU A 149 10.74 -9.73 -8.33
CA LEU A 149 12.10 -9.81 -8.86
C LEU A 149 13.10 -10.31 -7.82
N ASP A 150 14.21 -10.95 -8.26
CA ASP A 150 15.25 -11.34 -7.31
C ASP A 150 16.03 -10.07 -6.91
N ARG A 151 16.67 -10.12 -5.74
CA ARG A 151 17.26 -8.91 -5.16
C ARG A 151 18.36 -8.37 -6.08
N ALA A 152 19.19 -9.23 -6.67
CA ALA A 152 20.21 -8.80 -7.62
C ALA A 152 19.61 -8.02 -8.79
N THR A 153 18.49 -8.49 -9.35
CA THR A 153 17.87 -7.82 -10.48
C THR A 153 17.31 -6.47 -10.01
N CYS A 154 16.61 -6.53 -8.87
CA CYS A 154 16.04 -5.36 -8.21
C CYS A 154 17.14 -4.29 -8.00
N ASN A 155 18.29 -4.70 -7.45
CA ASN A 155 19.43 -3.81 -7.22
C ASN A 155 19.92 -3.15 -8.51
N ARG A 156 20.18 -3.95 -9.56
CA ARG A 156 20.78 -3.36 -10.75
C ARG A 156 19.77 -2.41 -11.42
N THR A 165 19.10 -2.36 -1.40
CA THR A 165 19.25 -2.64 0.05
C THR A 165 18.56 -3.97 0.35
N GLU A 166 18.68 -4.35 1.61
CA GLU A 166 17.92 -5.41 2.24
C GLU A 166 16.45 -5.01 2.41
N ARG A 167 16.14 -3.72 2.26
CA ARG A 167 14.90 -3.19 2.82
C ARG A 167 13.90 -2.82 1.74
N LEU A 168 14.23 -3.08 0.46
CA LEU A 168 13.33 -2.80 -0.65
C LEU A 168 13.09 -4.10 -1.40
N MET A 169 11.91 -4.22 -2.02
CA MET A 169 11.73 -5.26 -3.01
C MET A 169 11.15 -4.67 -4.29
N CYS A 170 11.34 -5.44 -5.37
CA CYS A 170 10.94 -5.04 -6.71
C CYS A 170 9.96 -6.05 -7.28
N ALA A 171 9.07 -5.54 -8.15
CA ALA A 171 8.17 -6.36 -8.96
C ALA A 171 8.24 -5.91 -10.42
N GLU A 172 7.92 -6.83 -11.32
CA GLU A 172 8.00 -6.51 -12.75
C GLU A 172 7.05 -5.35 -13.00
N SER A 173 7.31 -4.66 -14.10
CA SER A 173 6.65 -3.41 -14.42
C SER A 173 6.40 -3.34 -15.93
N ASN A 174 6.10 -4.49 -16.55
CA ASN A 174 5.90 -4.58 -17.99
C ASN A 174 4.47 -4.14 -18.32
N ARG A 175 4.26 -2.81 -18.32
CA ARG A 175 2.97 -2.16 -18.46
C ARG A 175 2.12 -2.26 -17.18
N ARG A 176 2.04 -3.46 -16.62
CA ARG A 176 1.35 -3.70 -15.35
C ARG A 176 2.23 -3.17 -14.22
N ASP A 177 1.72 -2.24 -13.40
CA ASP A 177 2.58 -1.59 -12.41
C ASP A 177 1.72 -0.85 -11.38
N SER A 178 2.37 -0.52 -10.24
CA SER A 178 1.91 0.55 -9.36
C SER A 178 2.31 1.90 -9.95
N CYS A 179 1.58 2.97 -9.56
CA CYS A 179 1.85 4.30 -10.07
C CYS A 179 1.30 5.37 -9.11
N LYS A 180 1.24 6.61 -9.58
CA LYS A 180 0.86 7.74 -8.73
C LYS A 180 -0.50 7.46 -8.10
N GLY A 181 -0.56 7.61 -6.76
CA GLY A 181 -1.75 7.43 -5.96
C GLY A 181 -1.86 6.02 -5.36
N ASP A 182 -0.94 5.13 -5.74
CA ASP A 182 -0.91 3.76 -5.22
C ASP A 182 0.03 3.68 -4.04
N SER A 183 0.93 4.67 -3.93
CA SER A 183 1.80 4.86 -2.78
C SER A 183 1.10 4.53 -1.47
N GLY A 184 1.78 3.81 -0.61
CA GLY A 184 1.26 3.47 0.71
C GLY A 184 0.35 2.24 0.71
N GLY A 185 -0.03 1.75 -0.48
CA GLY A 185 -0.93 0.61 -0.60
C GLY A 185 -0.18 -0.72 -0.48
N PRO A 186 -0.91 -1.87 -0.50
CA PRO A 186 -0.30 -3.19 -0.26
C PRO A 186 0.25 -3.98 -1.44
N LEU A 187 1.27 -4.81 -1.16
CA LEU A 187 1.78 -5.86 -2.04
C LEU A 187 1.66 -7.12 -1.18
N VAL A 188 0.71 -7.99 -1.58
CA VAL A 188 0.25 -9.10 -0.75
C VAL A 188 0.67 -10.41 -1.42
N CYS A 189 1.34 -11.29 -0.68
CA CYS A 189 1.78 -12.57 -1.20
C CYS A 189 1.24 -13.64 -0.28
N GLY A 190 0.41 -14.53 -0.83
CA GLY A 190 -0.12 -15.66 -0.09
C GLY A 190 -0.91 -15.21 1.14
N GLY A 191 -1.63 -14.09 1.01
CA GLY A 191 -2.46 -13.58 2.09
C GLY A 191 -1.67 -12.82 3.16
N VAL A 192 -0.41 -12.46 2.89
CA VAL A 192 0.37 -11.77 3.89
C VAL A 192 0.97 -10.55 3.23
N LEU A 193 0.96 -9.42 3.97
CA LEU A 193 1.61 -8.20 3.50
C LEU A 193 3.12 -8.39 3.48
N GLU A 194 3.72 -8.26 2.29
CA GLU A 194 5.16 -8.34 2.11
C GLU A 194 5.75 -6.97 1.79
N GLY A 195 5.01 -6.11 1.08
CA GLY A 195 5.50 -4.80 0.66
C GLY A 195 4.48 -3.67 0.80
N VAL A 196 4.99 -2.43 0.92
CA VAL A 196 4.18 -1.23 0.86
C VAL A 196 4.68 -0.40 -0.31
N VAL A 197 3.75 -0.03 -1.22
CA VAL A 197 4.11 0.77 -2.38
C VAL A 197 4.84 2.02 -1.89
N THR A 198 5.95 2.33 -2.58
CA THR A 198 6.82 3.48 -2.36
C THR A 198 6.09 4.79 -2.69
N SER A 199 6.53 5.91 -2.09
CA SER A 199 5.79 7.17 -2.21
C SER A 199 6.63 8.26 -2.88
N GLY A 200 7.64 7.85 -3.65
CA GLY A 200 8.37 8.73 -4.55
C GLY A 200 7.89 8.58 -5.99
N SER A 201 7.94 9.71 -6.70
CA SER A 201 7.78 9.81 -8.13
C SER A 201 8.67 8.80 -8.87
N ARG A 202 8.14 8.15 -9.91
CA ARG A 202 8.93 7.26 -10.76
C ARG A 202 8.16 7.00 -12.06
N VAL A 203 8.88 6.71 -13.16
CA VAL A 203 8.22 6.22 -14.37
C VAL A 203 7.55 4.89 -14.05
N CYS A 204 6.32 4.77 -14.54
CA CYS A 204 5.52 3.56 -14.39
C CYS A 204 5.42 2.80 -15.70
N GLY A 205 5.32 1.48 -15.58
CA GLY A 205 4.93 0.64 -16.70
C GLY A 205 6.08 0.33 -17.65
N ASN A 206 7.30 0.75 -17.27
CA ASN A 206 8.48 0.48 -18.05
C ASN A 206 9.18 -0.73 -17.45
N ARG A 207 9.25 -1.81 -18.24
CA ARG A 207 9.82 -3.10 -17.82
C ARG A 207 11.22 -2.95 -17.26
N LYS A 208 11.98 -1.95 -17.72
CA LYS A 208 13.38 -1.76 -17.35
C LYS A 208 13.49 -1.07 -15.99
N LYS A 209 12.36 -0.57 -15.47
CA LYS A 209 12.35 0.23 -14.26
C LYS A 209 11.29 -0.33 -13.34
N PRO A 210 11.62 -1.43 -12.61
CA PRO A 210 10.68 -2.12 -11.74
C PRO A 210 9.97 -1.20 -10.74
N GLY A 211 8.76 -1.62 -10.38
CA GLY A 211 8.08 -1.10 -9.23
C GLY A 211 8.90 -1.36 -7.97
N ILE A 212 8.80 -0.41 -7.04
CA ILE A 212 9.55 -0.49 -5.79
C ILE A 212 8.60 -0.43 -4.60
N TYR A 213 8.84 -1.35 -3.66
CA TYR A 213 8.02 -1.59 -2.50
C TYR A 213 8.93 -1.74 -1.29
N THR A 214 8.52 -1.14 -0.17
CA THR A 214 9.22 -1.34 1.09
C THR A 214 8.93 -2.74 1.65
N ARG A 215 10.02 -3.44 2.01
CA ARG A 215 9.93 -4.79 2.52
C ARG A 215 9.50 -4.72 3.98
N VAL A 216 8.23 -5.04 4.28
CA VAL A 216 7.71 -4.82 5.63
C VAL A 216 8.46 -5.65 6.68
N ALA A 217 8.95 -6.84 6.30
CA ALA A 217 9.71 -7.67 7.23
C ALA A 217 10.93 -6.93 7.77
N SER A 218 11.55 -6.05 6.96
CA SER A 218 12.74 -5.32 7.40
C SER A 218 12.40 -4.36 8.54
N TYR A 219 11.10 -4.02 8.72
CA TYR A 219 10.69 -2.98 9.64
C TYR A 219 9.89 -3.56 10.82
N ALA A 220 10.08 -4.84 11.12
CA ALA A 220 9.22 -5.56 12.04
C ALA A 220 9.35 -4.95 13.44
N ALA A 221 10.59 -4.67 13.84
CA ALA A 221 10.90 -4.07 15.13
C ALA A 221 10.25 -2.69 15.27
N TRP A 222 10.35 -1.89 14.20
CA TRP A 222 9.82 -0.54 14.19
C TRP A 222 8.30 -0.56 14.34
N ILE A 223 7.63 -1.39 13.53
CA ILE A 223 6.18 -1.44 13.55
C ILE A 223 5.70 -1.88 14.93
N ASP A 224 6.36 -2.91 15.50
CA ASP A 224 5.99 -3.42 16.82
C ASP A 224 6.16 -2.33 17.87
N SER A 225 7.27 -1.58 17.81
CA SER A 225 7.60 -0.53 18.77
C SER A 225 6.53 0.57 18.75
N VAL A 226 6.06 0.95 17.56
CA VAL A 226 4.98 1.92 17.47
C VAL A 226 3.69 1.35 18.06
N LEU A 227 3.32 0.11 17.68
CA LEU A 227 2.06 -0.50 18.09
C LEU A 227 2.11 -1.04 19.52
N ALA A 228 3.30 -1.05 20.14
CA ALA A 228 3.51 -1.76 21.39
C ALA A 228 2.62 -1.15 22.47
#